data_3NW9
#
_entry.id   3NW9
#
_cell.length_a   49.507
_cell.length_b   53.861
_cell.length_c   80.257
_cell.angle_alpha   90.00
_cell.angle_beta   90.00
_cell.angle_gamma   90.00
#
_symmetry.space_group_name_H-M   'P 21 21 21'
#
loop_
_entity.id
_entity.type
_entity.pdbx_description
1 polymer 'Catechol O-methyltransferase'
2 non-polymer 'MAGNESIUM ION'
3 non-polymer 'CHLORIDE ION'
4 non-polymer '2-[N-CYCLOHEXYLAMINO]ETHANE SULFONIC ACID'
5 non-polymer N-[(E)-3-[(2R,3S,4R,5R)-3,4-dihydroxy-5-(6-methylpurin-9-yl)oxolan-2-yl]prop-2-enyl]-5-(4-fluorophenyl)-2,3-dihydroxy-benzamide
6 water water
#
_entity_poly.entity_id   1
_entity_poly.type   'polypeptide(L)'
_entity_poly.pdbx_seq_one_letter_code
;MGDTKEQRILRYVQQNAKPGDPQSVLEAIDTYCTQKEWAMNVGDAKGQIMDAVIREYSPSLVLELGAYCGYSAVRMARLL
QPGARLLTMEMNPDYAAITQQMLNFAGLQDKVTILNGASQDLIPQLKKKYDVDTLDMVFLDHWKDRYLPDTLLLEKCGLL
RKGTVLLADNVIVPGTPDFLAYVRGSSSFECTHYSSYLEYMKVVDGLEKAIYQGPSSPDKS
;
_entity_poly.pdbx_strand_id   A
#
loop_
_chem_comp.id
_chem_comp.type
_chem_comp.name
_chem_comp.formula
637 non-polymer N-[(E)-3-[(2R,3S,4R,5R)-3,4-dihydroxy-5-(6-methylpurin-9-yl)oxolan-2-yl]prop-2-enyl]-5-(4-fluorophenyl)-2,3-dihydroxy-benzamide 'C26 H24 F N5 O6'
CL non-polymer 'CHLORIDE ION' 'Cl -1'
MG non-polymer 'MAGNESIUM ION' 'Mg 2'
NHE non-polymer '2-[N-CYCLOHEXYLAMINO]ETHANE SULFONIC ACID' 'C8 H17 N O3 S'
#
# COMPACT_ATOMS: atom_id res chain seq x y z
N ASP A 3 7.36 24.36 -6.90
CA ASP A 3 6.48 23.24 -6.46
C ASP A 3 7.29 22.13 -5.76
N THR A 4 6.62 21.06 -5.39
CA THR A 4 7.19 19.99 -4.60
C THR A 4 7.46 18.80 -5.50
N LYS A 5 8.28 17.89 -5.00
CA LYS A 5 8.64 16.70 -5.73
C LYS A 5 7.40 15.95 -6.13
N GLU A 6 6.47 15.85 -5.20
CA GLU A 6 5.22 15.11 -5.45
C GLU A 6 4.39 15.73 -6.56
N GLN A 7 4.31 17.08 -6.56
CA GLN A 7 3.66 17.77 -7.71
C GLN A 7 4.39 17.57 -9.01
N ARG A 8 5.71 17.54 -8.99
CA ARG A 8 6.50 17.26 -10.22
C ARG A 8 6.21 15.85 -10.75
N ILE A 9 6.02 14.89 -9.83
CA ILE A 9 5.77 13.51 -10.25
C ILE A 9 4.38 13.46 -10.90
N LEU A 10 3.37 14.09 -10.28
CA LEU A 10 2.03 14.07 -10.80
C LEU A 10 2.05 14.73 -12.19
N ARG A 11 2.74 15.87 -12.29
CA ARG A 11 2.79 16.57 -13.58
C ARG A 11 3.45 15.69 -14.66
N TYR A 12 4.51 15.01 -14.29
CA TYR A 12 5.20 14.15 -15.23
C TYR A 12 4.26 13.04 -15.71
N VAL A 13 3.55 12.39 -14.80
CA VAL A 13 2.59 11.33 -15.19
C VAL A 13 1.57 11.92 -16.19
N GLN A 14 1.06 13.09 -15.85
CA GLN A 14 0.00 13.72 -16.69
C GLN A 14 0.52 13.98 -18.12
N GLN A 15 1.83 14.20 -18.26
CA GLN A 15 2.43 14.58 -19.54
C GLN A 15 3.14 13.45 -20.22
N ASN A 16 3.21 12.29 -19.56
CA ASN A 16 3.95 11.14 -20.08
C ASN A 16 3.24 9.80 -20.00
N ALA A 17 1.96 9.81 -19.65
CA ALA A 17 1.16 8.61 -19.65
C ALA A 17 -0.14 8.85 -20.39
N LYS A 18 -0.86 7.75 -20.60
CA LYS A 18 -2.14 7.80 -21.26
C LYS A 18 -3.22 7.79 -20.18
N PRO A 19 -4.16 8.74 -20.23
CA PRO A 19 -5.25 8.72 -19.27
C PRO A 19 -6.05 7.42 -19.40
N GLY A 20 -6.48 6.88 -18.25
CA GLY A 20 -7.19 5.61 -18.20
C GLY A 20 -6.31 4.39 -18.38
N ASP A 21 -4.99 4.54 -18.44
CA ASP A 21 -4.07 3.41 -18.65
C ASP A 21 -3.13 3.31 -17.44
N PRO A 22 -3.53 2.52 -16.43
CA PRO A 22 -2.71 2.40 -15.23
C PRO A 22 -1.26 1.94 -15.45
N GLN A 23 -1.06 0.97 -16.35
CA GLN A 23 0.30 0.50 -16.61
C GLN A 23 1.18 1.66 -17.07
N SER A 24 0.68 2.53 -17.97
CA SER A 24 1.48 3.69 -18.42
C SER A 24 1.79 4.68 -17.26
N VAL A 25 0.88 4.80 -16.31
CA VAL A 25 1.06 5.70 -15.14
C VAL A 25 2.21 5.12 -14.29
N LEU A 26 2.20 3.82 -14.07
CA LEU A 26 3.29 3.22 -13.25
C LEU A 26 4.63 3.37 -13.93
N GLU A 27 4.67 3.12 -15.24
CA GLU A 27 5.88 3.29 -16.01
C GLU A 27 6.42 4.68 -15.94
N ALA A 28 5.54 5.67 -16.05
CA ALA A 28 5.98 7.06 -16.01
C ALA A 28 6.58 7.38 -14.67
N ILE A 29 5.90 6.95 -13.58
CA ILE A 29 6.46 7.25 -12.26
C ILE A 29 7.83 6.58 -12.07
N ASP A 30 7.94 5.33 -12.49
CA ASP A 30 9.21 4.61 -12.37
C ASP A 30 10.32 5.28 -13.19
N THR A 31 9.97 5.74 -14.38
CA THR A 31 10.98 6.47 -15.17
C THR A 31 11.37 7.77 -14.45
N TYR A 32 10.42 8.52 -13.94
CA TYR A 32 10.73 9.78 -13.29
C TYR A 32 11.67 9.55 -12.11
N CYS A 33 11.37 8.50 -11.35
CA CYS A 33 12.08 8.30 -10.10
C CYS A 33 13.41 7.64 -10.33
N THR A 34 13.60 7.04 -11.48
CA THR A 34 14.89 6.46 -11.81
C THR A 34 15.79 7.50 -12.43
N GLN A 35 15.22 8.32 -13.29
CA GLN A 35 16.00 9.28 -14.10
CA GLN A 35 16.01 9.26 -14.09
C GLN A 35 16.09 10.69 -13.53
N LYS A 36 15.08 11.11 -12.77
CA LYS A 36 15.03 12.51 -12.33
C LYS A 36 15.21 12.69 -10.84
N GLU A 37 14.27 12.18 -10.04
CA GLU A 37 14.26 12.41 -8.58
C GLU A 37 13.70 11.17 -7.91
N TRP A 38 14.49 10.57 -7.03
CA TRP A 38 14.02 9.43 -6.24
C TRP A 38 12.79 9.79 -5.44
N ALA A 39 11.82 8.88 -5.32
CA ALA A 39 10.75 9.04 -4.32
C ALA A 39 10.35 7.70 -3.68
N MET A 40 9.73 7.76 -2.51
CA MET A 40 9.47 6.55 -1.71
C MET A 40 8.23 5.81 -2.18
N ASN A 41 8.09 5.59 -3.49
CA ASN A 41 6.99 4.76 -4.05
C ASN A 41 7.45 3.33 -3.85
N VAL A 42 6.56 2.37 -3.79
CA VAL A 42 7.01 0.98 -3.59
CA VAL A 42 7.01 0.99 -3.59
C VAL A 42 7.99 0.53 -4.69
N GLY A 43 7.82 1.05 -5.88
CA GLY A 43 8.72 0.76 -6.96
C GLY A 43 8.42 -0.53 -7.70
N ASP A 44 9.08 -0.72 -8.83
CA ASP A 44 8.80 -1.83 -9.67
C ASP A 44 9.27 -3.20 -9.11
N ALA A 45 10.40 -3.26 -8.42
CA ALA A 45 10.94 -4.54 -7.93
C ALA A 45 9.98 -5.11 -6.86
N LYS A 46 9.68 -4.32 -5.83
CA LYS A 46 8.74 -4.76 -4.84
C LYS A 46 7.33 -4.79 -5.42
N GLY A 47 7.03 -3.82 -6.31
CA GLY A 47 5.75 -3.80 -7.04
C GLY A 47 5.40 -5.10 -7.70
N GLN A 48 6.40 -5.73 -8.34
CA GLN A 48 6.12 -7.04 -8.95
C GLN A 48 5.68 -8.12 -7.94
N ILE A 49 6.28 -8.10 -6.76
CA ILE A 49 5.94 -9.01 -5.69
C ILE A 49 4.54 -8.71 -5.23
N MET A 50 4.23 -7.44 -5.01
CA MET A 50 2.85 -7.04 -4.68
CA MET A 50 2.86 -7.02 -4.67
C MET A 50 1.84 -7.54 -5.70
N ASP A 51 2.18 -7.44 -6.99
CA ASP A 51 1.23 -7.81 -8.05
C ASP A 51 0.95 -9.32 -7.92
N ALA A 52 2.00 -10.08 -7.65
CA ALA A 52 1.92 -11.55 -7.56
C ALA A 52 1.05 -11.98 -6.38
N VAL A 53 1.18 -11.24 -5.28
CA VAL A 53 0.33 -11.41 -4.11
C VAL A 53 -1.13 -11.06 -4.36
N ILE A 54 -1.39 -9.88 -4.93
CA ILE A 54 -2.74 -9.48 -5.25
C ILE A 54 -3.41 -10.53 -6.14
N ARG A 55 -2.69 -10.98 -7.15
CA ARG A 55 -3.21 -11.96 -8.12
C ARG A 55 -3.52 -13.28 -7.41
N GLU A 56 -2.69 -13.69 -6.46
CA GLU A 56 -2.95 -14.92 -5.75
C GLU A 56 -4.26 -14.85 -4.93
N TYR A 57 -4.47 -13.76 -4.22
CA TYR A 57 -5.58 -13.68 -3.28
C TYR A 57 -6.83 -13.01 -3.83
N SER A 58 -6.73 -12.31 -4.96
CA SER A 58 -7.88 -11.61 -5.53
CA SER A 58 -7.89 -11.60 -5.53
C SER A 58 -8.81 -10.97 -4.47
N PRO A 59 -8.25 -10.11 -3.62
CA PRO A 59 -8.99 -9.56 -2.51
C PRO A 59 -10.15 -8.68 -2.96
N SER A 60 -11.28 -8.82 -2.30
CA SER A 60 -12.43 -8.03 -2.60
C SER A 60 -12.36 -6.65 -1.94
N LEU A 61 -11.73 -6.56 -0.78
CA LEU A 61 -11.56 -5.28 -0.05
C LEU A 61 -10.09 -5.23 0.53
N VAL A 62 -9.35 -4.20 0.13
CA VAL A 62 -8.00 -3.98 0.50
C VAL A 62 -7.97 -2.62 1.23
N LEU A 63 -7.18 -2.58 2.29
CA LEU A 63 -6.86 -1.34 3.01
C LEU A 63 -5.41 -1.06 2.86
N GLU A 64 -5.11 0.14 2.44
CA GLU A 64 -3.70 0.60 2.32
C GLU A 64 -3.46 1.68 3.34
N LEU A 65 -2.39 1.54 4.13
CA LEU A 65 -2.01 2.60 5.08
C LEU A 65 -0.79 3.34 4.53
N GLY A 66 -1.00 4.63 4.22
CA GLY A 66 0.02 5.45 3.63
C GLY A 66 0.02 5.44 2.10
N ALA A 67 -0.77 6.31 1.49
CA ALA A 67 -0.87 6.36 0.01
C ALA A 67 0.30 7.02 -0.68
N TYR A 68 0.82 8.08 -0.06
CA TYR A 68 1.88 8.90 -0.65
C TYR A 68 1.43 9.55 -1.95
N CYS A 69 1.98 9.14 -3.09
CA CYS A 69 1.53 9.70 -4.38
C CYS A 69 0.51 8.83 -5.12
N GLY A 70 0.20 7.67 -4.57
CA GLY A 70 -0.79 6.82 -5.18
C GLY A 70 -0.23 5.70 -6.04
N TYR A 71 1.10 5.57 -6.11
CA TYR A 71 1.72 4.49 -6.84
C TYR A 71 1.21 3.10 -6.49
N SER A 72 1.27 2.73 -5.21
CA SER A 72 0.81 1.41 -4.81
CA SER A 72 0.79 1.41 -4.84
C SER A 72 -0.71 1.27 -4.99
N ALA A 73 -1.45 2.36 -4.80
CA ALA A 73 -2.92 2.35 -4.98
C ALA A 73 -3.25 2.05 -6.47
N VAL A 74 -2.51 2.64 -7.37
CA VAL A 74 -2.67 2.36 -8.82
C VAL A 74 -2.27 0.92 -9.09
N ARG A 75 -1.15 0.52 -8.53
CA ARG A 75 -0.65 -0.84 -8.72
C ARG A 75 -1.64 -1.88 -8.29
N MET A 76 -2.17 -1.73 -7.08
CA MET A 76 -3.14 -2.66 -6.59
C MET A 76 -4.48 -2.59 -7.27
N ALA A 77 -5.00 -1.37 -7.40
CA ALA A 77 -6.37 -1.20 -7.91
C ALA A 77 -6.52 -1.71 -9.36
N ARG A 78 -5.48 -1.59 -10.15
CA ARG A 78 -5.52 -2.06 -11.53
C ARG A 78 -5.69 -3.59 -11.65
N LEU A 79 -5.38 -4.33 -10.59
CA LEU A 79 -5.46 -5.78 -10.62
C LEU A 79 -6.70 -6.31 -9.91
N LEU A 80 -7.45 -5.43 -9.28
CA LEU A 80 -8.71 -5.81 -8.57
C LEU A 80 -9.80 -6.27 -9.54
N GLN A 81 -10.60 -7.24 -9.10
CA GLN A 81 -11.69 -7.78 -9.91
C GLN A 81 -12.81 -6.77 -9.96
N PRO A 82 -13.71 -6.91 -10.93
CA PRO A 82 -14.80 -5.96 -11.00
C PRO A 82 -15.59 -5.99 -9.69
N GLY A 83 -15.89 -4.81 -9.17
CA GLY A 83 -16.58 -4.65 -7.88
C GLY A 83 -15.72 -4.64 -6.61
N ALA A 84 -14.46 -5.01 -6.74
CA ALA A 84 -13.54 -5.07 -5.61
C ALA A 84 -13.10 -3.64 -5.37
N ARG A 85 -12.70 -3.35 -4.13
CA ARG A 85 -12.49 -1.98 -3.69
C ARG A 85 -11.18 -1.85 -2.86
N LEU A 86 -10.58 -0.69 -2.95
CA LEU A 86 -9.40 -0.35 -2.17
C LEU A 86 -9.74 0.90 -1.37
N LEU A 87 -9.50 0.87 -0.07
CA LEU A 87 -9.49 2.07 0.77
C LEU A 87 -8.06 2.40 1.13
N THR A 88 -7.68 3.66 1.01
CA THR A 88 -6.31 4.05 1.27
C THR A 88 -6.35 5.24 2.19
N MET A 89 -5.56 5.19 3.24
CA MET A 89 -5.49 6.26 4.23
C MET A 89 -4.21 7.07 4.04
N GLU A 90 -4.33 8.41 4.08
CA GLU A 90 -3.23 9.29 3.91
C GLU A 90 -3.44 10.56 4.75
N MET A 91 -2.57 10.78 5.72
CA MET A 91 -2.79 11.88 6.66
C MET A 91 -2.34 13.24 6.15
N ASN A 92 -1.44 13.24 5.16
CA ASN A 92 -0.90 14.50 4.64
C ASN A 92 -1.89 14.94 3.56
N PRO A 93 -2.60 16.05 3.78
CA PRO A 93 -3.59 16.47 2.77
C PRO A 93 -3.00 16.73 1.41
N ASP A 94 -1.77 17.26 1.35
CA ASP A 94 -1.17 17.52 0.08
C ASP A 94 -0.95 16.22 -0.70
N TYR A 95 -0.44 15.21 0.00
CA TYR A 95 -0.32 13.91 -0.62
C TYR A 95 -1.63 13.22 -0.95
N ALA A 96 -2.65 13.42 -0.12
CA ALA A 96 -3.92 12.83 -0.39
C ALA A 96 -4.48 13.41 -1.69
N ALA A 97 -4.21 14.70 -1.91
CA ALA A 97 -4.66 15.34 -3.13
C ALA A 97 -3.90 14.82 -4.37
N ILE A 98 -2.61 14.60 -4.22
CA ILE A 98 -1.82 14.03 -5.29
C ILE A 98 -2.33 12.63 -5.66
N THR A 99 -2.62 11.82 -4.66
CA THR A 99 -3.03 10.44 -4.84
C THR A 99 -4.38 10.45 -5.54
N GLN A 100 -5.29 11.32 -5.10
CA GLN A 100 -6.63 11.34 -5.74
C GLN A 100 -6.47 11.69 -7.21
N GLN A 101 -5.64 12.68 -7.51
CA GLN A 101 -5.42 13.06 -8.87
C GLN A 101 -4.75 11.99 -9.71
N MET A 102 -3.84 11.23 -9.10
CA MET A 102 -3.14 10.17 -9.79
C MET A 102 -4.15 9.07 -10.14
N LEU A 103 -4.99 8.69 -9.20
CA LEU A 103 -6.07 7.72 -9.44
C LEU A 103 -7.07 8.15 -10.48
N ASN A 104 -7.46 9.42 -10.44
CA ASN A 104 -8.32 9.97 -11.48
C ASN A 104 -7.69 9.86 -12.85
N PHE A 105 -6.44 10.25 -12.98
CA PHE A 105 -5.74 10.17 -14.25
C PHE A 105 -5.72 8.71 -14.79
N ALA A 106 -5.46 7.76 -13.91
CA ALA A 106 -5.43 6.34 -14.24
C ALA A 106 -6.78 5.74 -14.50
N GLY A 107 -7.85 6.49 -14.18
CA GLY A 107 -9.18 5.99 -14.40
C GLY A 107 -9.69 5.00 -13.39
N LEU A 108 -9.03 4.96 -12.23
CA LEU A 108 -9.32 4.00 -11.18
C LEU A 108 -10.11 4.56 -10.00
N GLN A 109 -10.65 5.75 -10.17
CA GLN A 109 -11.29 6.48 -9.10
C GLN A 109 -12.52 5.80 -8.57
N ASP A 110 -13.19 5.01 -9.41
CA ASP A 110 -14.38 4.29 -8.93
C ASP A 110 -14.04 3.11 -8.02
N LYS A 111 -12.83 2.62 -8.09
CA LYS A 111 -12.38 1.45 -7.32
C LYS A 111 -11.72 1.77 -6.00
N VAL A 112 -11.34 3.02 -5.81
CA VAL A 112 -10.51 3.39 -4.68
C VAL A 112 -11.13 4.55 -3.95
N THR A 113 -11.12 4.52 -2.63
CA THR A 113 -11.45 5.67 -1.81
C THR A 113 -10.22 6.11 -1.05
N ILE A 114 -9.89 7.39 -1.15
CA ILE A 114 -8.72 7.93 -0.48
C ILE A 114 -9.23 8.77 0.66
N LEU A 115 -9.00 8.27 1.87
CA LEU A 115 -9.37 8.89 3.12
C LEU A 115 -8.23 9.77 3.67
N ASN A 116 -8.51 11.06 3.82
CA ASN A 116 -7.52 12.00 4.33
C ASN A 116 -7.62 12.02 5.86
N GLY A 117 -6.80 11.22 6.52
CA GLY A 117 -6.66 11.34 7.96
C GLY A 117 -5.60 10.35 8.44
N ALA A 118 -5.42 10.33 9.74
CA ALA A 118 -4.49 9.41 10.43
C ALA A 118 -5.17 8.07 10.61
N SER A 119 -4.40 7.02 10.38
CA SER A 119 -4.95 5.67 10.42
C SER A 119 -5.50 5.33 11.80
N GLN A 120 -4.87 5.80 12.87
CA GLN A 120 -5.34 5.44 14.20
C GLN A 120 -6.66 6.11 14.49
N ASP A 121 -7.00 7.17 13.76
CA ASP A 121 -8.32 7.82 13.92
C ASP A 121 -9.37 7.20 12.99
N LEU A 122 -8.96 6.78 11.79
CA LEU A 122 -9.90 6.31 10.82
C LEU A 122 -10.22 4.85 10.95
N ILE A 123 -9.24 4.03 11.36
CA ILE A 123 -9.46 2.59 11.45
C ILE A 123 -10.68 2.26 12.34
N PRO A 124 -10.83 2.92 13.50
CA PRO A 124 -12.01 2.67 14.36
C PRO A 124 -13.36 3.09 13.77
N GLN A 125 -13.34 3.84 12.69
CA GLN A 125 -14.57 4.27 12.01
C GLN A 125 -14.96 3.37 10.85
N LEU A 126 -14.10 2.45 10.47
CA LEU A 126 -14.33 1.68 9.25
C LEU A 126 -15.61 0.86 9.26
N LYS A 127 -15.90 0.22 10.36
CA LYS A 127 -17.10 -0.62 10.51
C LYS A 127 -18.38 0.18 10.41
N LYS A 128 -18.48 1.23 11.21
CA LYS A 128 -19.73 2.01 11.33
C LYS A 128 -19.88 3.07 10.23
N LYS A 129 -18.84 3.83 9.93
CA LYS A 129 -18.92 4.90 8.94
C LYS A 129 -18.74 4.43 7.49
N TYR A 130 -17.90 3.42 7.23
CA TYR A 130 -17.59 3.02 5.85
C TYR A 130 -18.15 1.65 5.51
N ASP A 131 -18.99 1.10 6.39
CA ASP A 131 -19.62 -0.21 6.24
C ASP A 131 -18.69 -1.37 5.89
N VAL A 132 -17.50 -1.39 6.48
CA VAL A 132 -16.64 -2.54 6.36
C VAL A 132 -17.00 -3.63 7.35
N ASP A 133 -17.00 -4.88 6.92
CA ASP A 133 -17.09 -5.95 7.88
C ASP A 133 -15.65 -6.41 8.23
N THR A 134 -15.00 -7.15 7.35
CA THR A 134 -13.58 -7.49 7.52
C THR A 134 -12.81 -7.20 6.25
N LEU A 135 -11.51 -7.06 6.44
CA LEU A 135 -10.64 -6.76 5.36
C LEU A 135 -10.06 -8.05 4.80
N ASP A 136 -9.91 -8.10 3.47
CA ASP A 136 -9.24 -9.24 2.84
C ASP A 136 -7.72 -9.11 2.79
N MET A 137 -7.24 -7.86 2.74
CA MET A 137 -5.81 -7.61 2.63
C MET A 137 -5.54 -6.22 3.20
N VAL A 138 -4.35 -6.03 3.74
CA VAL A 138 -3.91 -4.73 4.26
C VAL A 138 -2.47 -4.56 3.78
N PHE A 139 -2.20 -3.45 3.12
CA PHE A 139 -0.84 -3.03 2.74
C PHE A 139 -0.34 -1.94 3.68
N LEU A 140 0.75 -2.25 4.40
CA LEU A 140 1.33 -1.34 5.38
CA LEU A 140 1.32 -1.35 5.40
C LEU A 140 2.52 -0.64 4.78
N ASP A 141 2.41 0.70 4.65
CA ASP A 141 3.47 1.45 4.02
C ASP A 141 3.55 2.87 4.55
N HIS A 142 3.16 3.05 5.79
CA HIS A 142 3.12 4.36 6.39
C HIS A 142 4.29 4.51 7.34
N TRP A 143 4.22 5.36 8.37
CA TRP A 143 5.36 5.52 9.24
C TRP A 143 5.72 4.15 9.90
N LYS A 144 6.99 3.81 9.92
CA LYS A 144 7.35 2.42 10.19
C LYS A 144 7.04 2.02 11.63
N ASP A 145 7.04 3.00 12.53
CA ASP A 145 6.76 2.72 13.91
C ASP A 145 5.28 2.58 14.12
N ARG A 146 4.47 2.76 13.07
CA ARG A 146 3.01 2.58 13.23
CA ARG A 146 3.01 2.58 13.21
C ARG A 146 2.53 1.24 12.73
N TYR A 147 3.40 0.44 12.11
CA TYR A 147 2.98 -0.86 11.59
C TYR A 147 2.39 -1.78 12.70
N LEU A 148 3.14 -1.97 13.77
CA LEU A 148 2.66 -2.80 14.86
C LEU A 148 1.45 -2.22 15.59
N PRO A 149 1.49 -0.96 15.97
CA PRO A 149 0.27 -0.45 16.57
C PRO A 149 -1.02 -0.51 15.70
N ASP A 150 -0.93 -0.23 14.42
CA ASP A 150 -2.11 -0.31 13.58
C ASP A 150 -2.55 -1.76 13.31
N THR A 151 -1.63 -2.73 13.30
CA THR A 151 -1.97 -4.14 13.21
C THR A 151 -2.81 -4.55 14.43
N LEU A 152 -2.34 -4.19 15.60
CA LEU A 152 -3.03 -4.48 16.83
C LEU A 152 -4.40 -3.80 16.92
N LEU A 153 -4.46 -2.55 16.44
CA LEU A 153 -5.72 -1.80 16.34
C LEU A 153 -6.69 -2.46 15.40
N LEU A 154 -6.23 -2.85 14.21
CA LEU A 154 -7.11 -3.61 13.29
C LEU A 154 -7.69 -4.84 13.91
N GLU A 155 -6.90 -5.57 14.71
CA GLU A 155 -7.42 -6.77 15.32
C GLU A 155 -8.43 -6.38 16.42
N LYS A 156 -8.16 -5.34 17.20
CA LYS A 156 -9.07 -4.92 18.26
C LYS A 156 -10.40 -4.52 17.70
N CYS A 157 -10.35 -3.84 16.57
CA CYS A 157 -11.56 -3.37 15.86
C CYS A 157 -12.37 -4.46 15.19
N GLY A 158 -11.92 -5.71 15.21
CA GLY A 158 -12.63 -6.79 14.52
C GLY A 158 -12.53 -6.77 13.00
N LEU A 159 -11.49 -6.13 12.49
CA LEU A 159 -11.37 -5.93 11.04
C LEU A 159 -10.61 -7.04 10.35
N LEU A 160 -9.93 -7.88 11.11
CA LEU A 160 -9.19 -9.03 10.56
C LEU A 160 -10.04 -10.28 10.67
N ARG A 161 -9.91 -11.13 9.68
CA ARG A 161 -10.52 -12.43 9.69
C ARG A 161 -9.46 -13.50 9.39
N LYS A 162 -9.78 -14.79 9.60
CA LYS A 162 -8.86 -15.85 9.26
C LYS A 162 -8.62 -15.73 7.80
N GLY A 163 -7.33 -15.60 7.48
CA GLY A 163 -6.94 -15.49 6.10
C GLY A 163 -6.59 -14.09 5.65
N THR A 164 -6.92 -13.07 6.45
CA THR A 164 -6.56 -11.71 6.09
C THR A 164 -5.06 -11.59 5.85
N VAL A 165 -4.67 -11.07 4.70
CA VAL A 165 -3.27 -10.96 4.30
C VAL A 165 -2.75 -9.58 4.70
N LEU A 166 -1.72 -9.54 5.54
CA LEU A 166 -1.02 -8.27 5.77
C LEU A 166 0.24 -8.32 4.94
N LEU A 167 0.46 -7.28 4.16
CA LEU A 167 1.66 -7.14 3.35
C LEU A 167 2.34 -5.85 3.77
N ALA A 168 3.57 -5.95 4.25
CA ALA A 168 4.29 -4.81 4.83
C ALA A 168 5.49 -4.47 4.00
N ASP A 169 5.54 -3.23 3.54
CA ASP A 169 6.76 -2.68 2.85
C ASP A 169 7.88 -2.33 3.82
N ASN A 170 9.11 -2.29 3.34
CA ASN A 170 10.23 -1.71 4.06
C ASN A 170 10.60 -2.42 5.37
N VAL A 171 10.47 -3.74 5.38
CA VAL A 171 10.68 -4.42 6.64
C VAL A 171 12.19 -4.52 6.87
N ILE A 172 12.98 -4.25 5.84
CA ILE A 172 14.46 -4.13 5.99
C ILE A 172 14.96 -2.68 6.04
N VAL A 173 14.57 -1.88 5.06
CA VAL A 173 14.92 -0.45 5.05
C VAL A 173 13.73 0.39 4.71
N PRO A 174 13.33 1.37 5.58
CA PRO A 174 13.96 1.71 6.84
C PRO A 174 13.95 0.63 7.94
N GLY A 175 13.07 -0.37 7.81
CA GLY A 175 12.96 -1.43 8.77
C GLY A 175 11.78 -1.20 9.69
N THR A 176 11.24 -2.29 10.18
CA THR A 176 10.11 -2.27 11.09
CA THR A 176 10.14 -2.20 11.13
C THR A 176 10.36 -3.33 12.15
N PRO A 177 11.38 -3.16 13.01
CA PRO A 177 11.82 -4.28 13.82
C PRO A 177 10.76 -4.82 14.79
N ASP A 178 9.96 -3.95 15.38
CA ASP A 178 9.00 -4.42 16.38
C ASP A 178 7.89 -5.20 15.68
N PHE A 179 7.35 -4.64 14.60
CA PHE A 179 6.36 -5.41 13.80
C PHE A 179 6.85 -6.77 13.38
N LEU A 180 8.04 -6.81 12.79
CA LEU A 180 8.56 -8.01 12.24
C LEU A 180 8.76 -9.07 13.31
N ALA A 181 9.32 -8.68 14.45
CA ALA A 181 9.53 -9.57 15.59
C ALA A 181 8.17 -10.10 16.10
N TYR A 182 7.20 -9.22 16.20
CA TYR A 182 5.87 -9.58 16.69
C TYR A 182 5.19 -10.59 15.77
N VAL A 183 5.10 -10.30 14.45
CA VAL A 183 4.28 -11.19 13.61
C VAL A 183 4.98 -12.56 13.51
N ARG A 184 6.30 -12.54 13.40
CA ARG A 184 7.11 -13.78 13.29
C ARG A 184 7.09 -14.62 14.56
N GLY A 185 6.90 -13.99 15.69
CA GLY A 185 6.78 -14.72 16.94
C GLY A 185 5.38 -15.15 17.32
N SER A 186 4.37 -14.64 16.62
CA SER A 186 2.97 -14.86 17.02
C SER A 186 2.32 -16.02 16.34
N SER A 187 1.62 -16.82 17.13
CA SER A 187 0.91 -17.98 16.59
CA SER A 187 0.91 -17.98 16.59
C SER A 187 -0.32 -17.54 15.79
N SER A 188 -0.69 -16.27 15.91
CA SER A 188 -1.78 -15.68 15.12
C SER A 188 -1.40 -15.21 13.72
N PHE A 189 -0.14 -15.35 13.33
CA PHE A 189 0.29 -15.01 11.98
C PHE A 189 1.15 -16.11 11.36
N GLU A 190 0.99 -16.35 10.08
CA GLU A 190 1.88 -17.20 9.34
C GLU A 190 2.59 -16.24 8.39
N CYS A 191 3.90 -16.15 8.53
CA CYS A 191 4.72 -15.13 7.87
C CYS A 191 5.65 -15.67 6.81
N THR A 192 5.83 -14.86 5.80
CA THR A 192 6.69 -15.12 4.69
C THR A 192 7.49 -13.88 4.37
N HIS A 193 8.80 -14.00 4.22
CA HIS A 193 9.63 -12.88 3.79
C HIS A 193 9.97 -12.95 2.29
N TYR A 194 9.74 -11.86 1.59
CA TYR A 194 10.02 -11.72 0.14
C TYR A 194 11.17 -10.72 0.00
N SER A 195 12.39 -11.21 -0.17
CA SER A 195 13.53 -10.32 -0.34
C SER A 195 13.48 -9.58 -1.67
N SER A 196 13.83 -8.29 -1.65
CA SER A 196 13.78 -7.54 -2.85
C SER A 196 14.77 -6.37 -2.73
N TYR A 197 14.42 -5.28 -3.38
CA TYR A 197 15.32 -4.11 -3.44
C TYR A 197 14.50 -2.89 -3.13
N LEU A 198 15.12 -1.98 -2.41
CA LEU A 198 14.55 -0.66 -2.22
C LEU A 198 14.23 -0.05 -3.55
N GLU A 199 13.09 0.64 -3.59
CA GLU A 199 12.63 1.29 -4.80
C GLU A 199 13.76 2.09 -5.44
N TYR A 200 13.98 1.79 -6.74
CA TYR A 200 14.88 2.55 -7.59
C TYR A 200 16.33 2.54 -7.12
N MET A 201 16.71 1.58 -6.26
CA MET A 201 18.06 1.56 -5.64
CA MET A 201 18.09 1.54 -5.69
C MET A 201 18.63 0.16 -5.57
N LYS A 202 19.97 0.06 -5.62
CA LYS A 202 20.64 -1.23 -5.40
C LYS A 202 20.93 -1.41 -3.91
N VAL A 203 19.85 -1.53 -3.16
CA VAL A 203 19.87 -1.67 -1.76
C VAL A 203 18.85 -2.72 -1.40
N VAL A 204 19.26 -3.72 -0.61
CA VAL A 204 18.33 -4.80 -0.24
C VAL A 204 17.21 -4.27 0.62
N ASP A 205 15.98 -4.68 0.28
CA ASP A 205 14.84 -4.41 1.13
C ASP A 205 13.95 -5.65 1.08
N GLY A 206 12.77 -5.61 1.65
CA GLY A 206 11.87 -6.74 1.45
C GLY A 206 10.49 -6.42 1.96
N LEU A 207 9.56 -7.26 1.55
CA LEU A 207 8.21 -7.26 2.04
C LEU A 207 7.97 -8.42 2.94
N GLU A 208 7.18 -8.23 3.98
CA GLU A 208 6.75 -9.35 4.79
C GLU A 208 5.23 -9.57 4.57
N LYS A 209 4.84 -10.81 4.29
CA LYS A 209 3.44 -11.21 4.27
C LYS A 209 3.14 -11.89 5.57
N ALA A 210 2.09 -11.46 6.24
CA ALA A 210 1.69 -12.06 7.50
C ALA A 210 0.19 -12.36 7.33
N ILE A 211 -0.16 -13.63 7.33
CA ILE A 211 -1.52 -14.06 7.16
C ILE A 211 -2.10 -14.27 8.57
N TYR A 212 -3.17 -13.55 8.89
CA TYR A 212 -3.82 -13.63 10.21
C TYR A 212 -4.58 -14.96 10.32
N GLN A 213 -4.35 -15.64 11.43
CA GLN A 213 -4.88 -16.98 11.68
C GLN A 213 -5.97 -16.95 12.73
N GLY A 214 -6.30 -15.79 13.27
CA GLY A 214 -7.41 -15.75 14.24
C GLY A 214 -6.82 -15.78 15.62
N PRO A 215 -7.68 -15.63 16.63
CA PRO A 215 -7.16 -15.46 18.01
C PRO A 215 -6.79 -16.76 18.73
MG MG B . 7.53 2.06 1.45
CL CL C . 3.67 3.77 -3.13
CL CL D . 12.44 -0.43 -8.45
CL CL E . 5.53 -17.71 10.67
CL CL F . 8.77 5.94 8.78
C3' NHE G . 16.91 8.06 -0.69
C2' NHE G . 16.90 9.18 -1.68
C1' NHE G . 18.25 9.81 -1.95
C6' NHE G . 19.26 8.73 -2.25
N NHE G . 18.19 10.71 -3.10
C1 NHE G . 17.32 11.85 -3.19
C2 NHE G . 17.79 12.94 -4.17
S NHE G . 17.14 12.87 -5.72
O1 NHE G . 15.65 12.82 -5.50
O2 NHE G . 17.51 14.17 -6.42
O3 NHE G . 17.70 11.70 -6.50
C5' NHE G . 19.32 7.63 -1.20
C4' NHE G . 17.97 7.01 -0.94
C1 637 H . 1.67 8.67 5.25
C2 637 H . 2.61 9.88 5.09
O3 637 H . 1.81 11.08 5.08
C4 637 H . 3.28 9.60 3.75
O5 637 H . 2.39 9.77 2.63
C6 637 H . 3.48 8.10 3.91
C7 637 H . -0.58 7.27 10.87
N8 637 H . 1.73 7.86 8.81
C9 637 H . 2.31 8.17 7.71
N10 637 H . 1.37 8.40 6.67
C11 637 H . 0.13 8.18 7.24
C12 637 H . 0.41 7.82 8.55
O13 637 H . 2.36 7.55 4.70
C14 637 H . 4.77 7.89 4.64
C15 637 H . 5.29 6.69 4.67
C16 637 H . 6.54 6.41 5.42
N17 637 H . 7.31 5.66 4.43
C18 637 H . 8.66 5.82 4.54
O19 637 H . 9.13 6.62 5.37
C20 637 H . 9.50 5.18 3.53
C21 637 H . 10.86 5.53 3.51
C22 637 H . 11.74 4.93 2.61
C23 637 H . 11.30 3.97 1.67
C24 637 H . 13.17 5.36 2.63
C25 637 H . 13.44 6.68 2.89
C26 637 H . 14.79 7.06 2.89
C27 637 H . 14.11 4.39 2.39
C28 637 H . 15.47 4.75 2.34
C29 637 H . 15.73 6.06 2.64
F30 637 H . 17.09 6.35 2.60
C31 637 H . 9.07 4.18 2.66
O32 637 H . 7.76 3.80 2.58
C33 637 H . 9.94 3.64 1.71
O34 637 H . 9.47 2.70 0.80
C35 637 H . -0.70 7.57 9.39
N38 637 H . -1.92 7.64 8.83
C39 637 H . -2.09 7.96 7.51
N40 637 H . -1.09 8.22 6.68
#